data_1GS5
#
_entry.id   1GS5
#
_cell.length_a   59.564
_cell.length_b   72.332
_cell.length_c   107.418
_cell.angle_alpha   90.00
_cell.angle_beta   90.00
_cell.angle_gamma   90.00
#
_symmetry.space_group_name_H-M   'C 2 2 21'
#
loop_
_entity.id
_entity.type
_entity.pdbx_description
1 polymer 'ACETYLGLUTAMATE KINASE'
2 non-polymer N-ACETYL-L-GLUTAMATE
3 non-polymer 'PHOSPHOAMINOPHOSPHONIC ACID-ADENYLATE ESTER'
4 non-polymer 'MAGNESIUM ION'
5 water water
#
_entity_poly.entity_id   1
_entity_poly.type   'polypeptide(L)'
_entity_poly.pdbx_seq_one_letter_code
;MMNPLIIKLGGVLLDSEEALERLFSALVNYRESHQRPLVIVHGGGCVVDELMKGLNLPVKKKNGLRVTPADQIDIITGAL
AGTANKTLLAWAKKHQIAAVGLFLGDGDSVKVTQLDEELGHVGLAQPGSPKLINSLLENGYLPVVSSIGVTDEGQLMNVN
ADQAATALAATLGADLILLSDVSGILDGKGQRIAEMTAAKAEQLIEQGIITDGMIVKVNAALDAARTLGRPVDIASWRHA
EQLPALFNGMPMGTRILA
;
_entity_poly.pdbx_strand_id   A
#
loop_
_chem_comp.id
_chem_comp.type
_chem_comp.name
_chem_comp.formula
ANP non-polymer 'PHOSPHOAMINOPHOSPHONIC ACID-ADENYLATE ESTER' 'C10 H17 N6 O12 P3'
MG non-polymer 'MAGNESIUM ION' 'Mg 2'
NLG non-polymer N-ACETYL-L-GLUTAMATE 'C7 H11 N O5'
#
# COMPACT_ATOMS: atom_id res chain seq x y z
N MET A 1 -14.52 -15.79 -10.56
CA MET A 1 -13.74 -15.11 -9.53
C MET A 1 -14.48 -13.91 -8.94
N MET A 2 -14.45 -13.92 -7.53
CA MET A 2 -14.91 -12.71 -6.76
C MET A 2 -14.01 -11.48 -6.98
N ASN A 3 -14.50 -10.29 -6.62
CA ASN A 3 -13.62 -9.09 -6.71
C ASN A 3 -12.52 -9.44 -5.72
N PRO A 4 -11.25 -9.07 -6.06
CA PRO A 4 -10.23 -9.39 -5.11
C PRO A 4 -10.23 -8.42 -3.93
N LEU A 5 -9.48 -8.76 -2.92
CA LEU A 5 -9.17 -7.83 -1.82
C LEU A 5 -7.68 -7.48 -1.84
N ILE A 6 -7.37 -6.17 -1.96
CA ILE A 6 -5.97 -5.76 -1.82
C ILE A 6 -5.70 -5.43 -0.36
N ILE A 7 -4.70 -5.94 0.25
CA ILE A 7 -4.21 -5.59 1.55
C ILE A 7 -2.95 -4.80 1.31
N LYS A 8 -2.86 -3.53 1.67
CA LYS A 8 -1.65 -2.76 1.54
C LYS A 8 -0.83 -2.76 2.80
N LEU A 9 0.41 -3.10 2.79
CA LEU A 9 1.26 -3.17 3.94
C LEU A 9 2.36 -2.16 3.98
N GLY A 10 2.51 -1.42 5.07
CA GLY A 10 3.68 -0.50 5.11
C GLY A 10 3.97 -0.19 6.58
N GLY A 11 4.73 0.87 6.79
CA GLY A 11 5.08 1.28 8.16
C GLY A 11 6.26 0.44 8.62
N VAL A 12 6.48 0.40 9.93
CA VAL A 12 7.59 -0.37 10.46
C VAL A 12 7.31 -1.86 10.54
N LEU A 13 6.28 -2.37 9.85
CA LEU A 13 5.94 -3.79 9.92
C LEU A 13 7.08 -4.69 9.53
N LEU A 14 7.81 -4.38 8.47
CA LEU A 14 8.93 -5.17 7.98
C LEU A 14 10.08 -5.28 8.94
N ASP A 15 10.12 -4.36 9.91
CA ASP A 15 11.21 -4.45 10.89
C ASP A 15 10.77 -5.35 12.04
N SER A 16 9.59 -5.96 11.93
CA SER A 16 9.13 -6.77 13.05
C SER A 16 8.83 -8.21 12.69
N GLU A 17 9.76 -9.11 12.96
CA GLU A 17 9.54 -10.54 12.74
C GLU A 17 8.27 -11.04 13.39
N GLU A 18 8.08 -10.69 14.67
CA GLU A 18 6.88 -11.11 15.38
C GLU A 18 5.63 -10.62 14.64
N ALA A 19 5.58 -9.34 14.23
CA ALA A 19 4.40 -8.81 13.55
C ALA A 19 4.18 -9.48 12.19
N LEU A 20 5.24 -9.81 11.49
CA LEU A 20 5.14 -10.50 10.20
C LEU A 20 4.58 -11.88 10.39
N GLU A 21 5.09 -12.60 11.44
CA GLU A 21 4.53 -13.94 11.70
C GLU A 21 3.07 -13.87 12.01
N ARG A 22 2.67 -12.94 12.91
CA ARG A 22 1.25 -12.86 13.22
C ARG A 22 0.39 -12.46 12.02
N LEU A 23 0.92 -11.60 11.13
CA LEU A 23 0.18 -11.24 9.95
C LEU A 23 0.05 -12.41 8.98
N PHE A 24 1.17 -13.07 8.70
CA PHE A 24 1.11 -14.21 7.75
C PHE A 24 0.21 -15.32 8.31
N SER A 25 0.23 -15.51 9.65
CA SER A 25 -0.74 -16.48 10.18
C SER A 25 -2.14 -16.14 9.78
N ALA A 26 -2.51 -14.87 9.94
CA ALA A 26 -3.84 -14.41 9.65
C ALA A 26 -4.22 -14.42 8.15
N LEU A 27 -3.18 -14.24 7.30
CA LEU A 27 -3.42 -14.25 5.85
C LEU A 27 -3.68 -15.69 5.42
N VAL A 28 -2.91 -16.64 5.94
CA VAL A 28 -3.13 -18.04 5.58
C VAL A 28 -4.52 -18.45 6.04
N ASN A 29 -4.90 -18.03 7.28
CA ASN A 29 -6.26 -18.41 7.73
C ASN A 29 -7.30 -17.74 6.87
N TYR A 30 -7.12 -16.49 6.46
CA TYR A 30 -8.11 -15.87 5.60
C TYR A 30 -8.18 -16.61 4.24
N ARG A 31 -7.04 -16.87 3.63
CA ARG A 31 -7.01 -17.55 2.34
C ARG A 31 -7.64 -18.91 2.33
N GLU A 32 -7.46 -19.69 3.39
CA GLU A 32 -8.01 -21.03 3.46
C GLU A 32 -9.46 -21.06 3.88
N SER A 33 -10.00 -19.85 4.15
CA SER A 33 -11.41 -19.78 4.55
C SER A 33 -12.27 -18.84 3.77
N HIS A 34 -11.78 -18.33 2.66
CA HIS A 34 -12.42 -17.33 1.84
C HIS A 34 -12.08 -17.55 0.36
N GLN A 35 -13.11 -17.45 -0.44
CA GLN A 35 -12.96 -17.61 -1.88
C GLN A 35 -12.40 -16.33 -2.51
N ARG A 36 -12.61 -15.23 -1.81
CA ARG A 36 -12.11 -13.95 -2.37
C ARG A 36 -10.52 -14.01 -2.49
N PRO A 37 -10.11 -13.67 -3.68
CA PRO A 37 -8.65 -13.76 -3.90
C PRO A 37 -7.92 -12.53 -3.37
N LEU A 38 -6.82 -12.79 -2.70
CA LEU A 38 -5.97 -11.80 -2.07
C LEU A 38 -4.83 -11.29 -3.00
N VAL A 39 -4.64 -9.97 -2.89
CA VAL A 39 -3.47 -9.32 -3.51
C VAL A 39 -2.76 -8.49 -2.47
N ILE A 40 -1.46 -8.48 -2.34
CA ILE A 40 -0.79 -7.62 -1.43
C ILE A 40 -0.08 -6.50 -2.20
N VAL A 41 -0.22 -5.29 -1.79
CA VAL A 41 0.60 -4.15 -2.28
C VAL A 41 1.39 -3.71 -1.09
N HIS A 42 2.65 -3.28 -1.21
CA HIS A 42 3.47 -2.88 -0.09
C HIS A 42 4.30 -1.62 -0.38
N GLY A 43 4.54 -0.95 0.79
CA GLY A 43 5.51 0.17 0.70
C GLY A 43 6.80 -0.36 1.31
N GLY A 44 7.36 0.46 2.23
CA GLY A 44 8.68 0.09 2.80
C GLY A 44 9.56 1.32 3.04
N GLY A 45 8.90 2.45 3.22
CA GLY A 45 9.68 3.69 3.50
C GLY A 45 10.77 3.47 4.52
N CYS A 46 10.54 2.66 5.53
CA CYS A 46 11.53 2.47 6.60
C CYS A 46 12.77 1.75 6.07
N VAL A 47 12.56 0.78 5.17
CA VAL A 47 13.69 0.10 4.55
C VAL A 47 14.53 1.11 3.77
N VAL A 48 13.90 1.99 2.99
CA VAL A 48 14.61 3.05 2.30
C VAL A 48 15.35 3.97 3.29
N ASP A 49 14.66 4.44 4.32
CA ASP A 49 15.32 5.38 5.23
C ASP A 49 16.54 4.79 5.92
N GLU A 50 16.50 3.47 6.18
CA GLU A 50 17.62 2.83 6.78
C GLU A 50 18.80 2.72 5.84
N LEU A 51 18.58 2.48 4.55
CA LEU A 51 19.64 2.31 3.57
C LEU A 51 20.13 3.75 3.25
N MET A 52 19.21 4.71 3.27
CA MET A 52 19.67 6.10 3.08
C MET A 52 20.50 6.54 4.30
N LYS A 53 20.06 6.13 5.48
CA LYS A 53 20.80 6.45 6.71
C LYS A 53 22.22 5.90 6.63
N GLY A 54 22.37 4.65 6.23
CA GLY A 54 23.66 4.00 6.12
C GLY A 54 24.53 4.60 5.01
N LEU A 55 23.88 5.36 4.13
CA LEU A 55 24.60 6.01 3.05
C LEU A 55 24.86 7.49 3.31
N ASN A 56 24.33 8.04 4.37
CA ASN A 56 24.48 9.43 4.76
C ASN A 56 23.72 10.35 3.79
N LEU A 57 22.54 9.92 3.36
CA LEU A 57 21.70 10.69 2.44
C LEU A 57 20.48 11.21 3.17
N PRO A 58 20.09 12.45 2.89
CA PRO A 58 18.96 13.09 3.48
C PRO A 58 17.63 12.56 2.97
N VAL A 59 16.62 12.72 3.82
CA VAL A 59 15.27 12.30 3.48
C VAL A 59 14.39 13.51 3.45
N LYS A 60 13.99 13.97 2.31
CA LYS A 60 13.16 15.14 2.08
C LYS A 60 11.81 14.62 1.53
N LYS A 61 10.77 14.90 2.27
CA LYS A 61 9.42 14.62 1.80
C LYS A 61 8.73 15.93 1.52
N LYS A 62 8.18 16.07 0.33
CA LYS A 62 7.53 17.31 -0.08
C LYS A 62 6.05 17.01 -0.25
N ASN A 63 5.29 17.41 0.77
CA ASN A 63 3.85 17.18 0.78
C ASN A 63 3.53 15.69 0.92
N GLY A 64 4.28 15.00 1.79
CA GLY A 64 4.11 13.61 2.09
C GLY A 64 4.76 12.65 1.10
N LEU A 65 5.33 13.13 0.01
CA LEU A 65 5.99 12.29 -0.99
C LEU A 65 7.50 12.51 -0.90
N ARG A 66 8.25 11.43 -1.02
CA ARG A 66 9.69 11.48 -0.93
C ARG A 66 10.32 12.03 -2.21
N VAL A 67 11.02 13.18 -2.12
CA VAL A 67 11.81 13.67 -3.28
C VAL A 67 12.80 12.58 -3.63
N THR A 68 12.83 12.25 -4.94
CA THR A 68 13.58 11.14 -5.46
C THR A 68 14.44 11.58 -6.62
N PRO A 69 15.66 12.04 -6.28
CA PRO A 69 16.59 12.46 -7.36
C PRO A 69 16.98 11.32 -8.24
N ALA A 70 17.53 11.58 -9.42
CA ALA A 70 17.96 10.61 -10.39
C ALA A 70 19.10 9.80 -9.78
N ASP A 71 19.85 10.39 -8.86
CA ASP A 71 20.95 9.67 -8.25
C ASP A 71 20.53 8.81 -7.06
N GLN A 72 19.24 8.68 -6.77
CA GLN A 72 18.73 7.92 -5.62
C GLN A 72 17.68 6.86 -6.13
N ILE A 73 17.18 6.97 -7.36
CA ILE A 73 16.07 6.08 -7.80
C ILE A 73 16.58 4.64 -7.83
N ASP A 74 17.81 4.33 -8.20
CA ASP A 74 18.29 2.95 -8.26
C ASP A 74 18.35 2.37 -6.85
N ILE A 75 18.82 3.12 -5.88
CA ILE A 75 18.92 2.60 -4.50
C ILE A 75 17.53 2.41 -3.94
N ILE A 76 16.61 3.34 -4.14
CA ILE A 76 15.24 3.23 -3.63
C ILE A 76 14.56 2.05 -4.29
N THR A 77 14.81 1.89 -5.60
CA THR A 77 14.19 0.72 -6.26
C THR A 77 14.70 -0.56 -5.61
N GLY A 78 16.00 -0.62 -5.31
CA GLY A 78 16.58 -1.85 -4.73
C GLY A 78 15.91 -2.15 -3.40
N ALA A 79 15.72 -1.12 -2.56
CA ALA A 79 15.13 -1.32 -1.24
C ALA A 79 13.64 -1.71 -1.32
N LEU A 80 12.90 -1.08 -2.21
CA LEU A 80 11.45 -1.31 -2.26
C LEU A 80 11.09 -2.47 -3.19
N ALA A 81 11.50 -2.38 -4.47
CA ALA A 81 11.17 -3.48 -5.39
C ALA A 81 11.99 -4.76 -5.10
N GLY A 82 13.15 -4.60 -4.47
CA GLY A 82 13.99 -5.79 -4.18
C GLY A 82 13.80 -6.27 -2.72
N THR A 83 14.37 -5.56 -1.78
CA THR A 83 14.44 -6.06 -0.38
C THR A 83 13.05 -6.19 0.20
N ALA A 84 12.22 -5.13 0.12
CA ALA A 84 10.92 -5.30 0.77
C ALA A 84 10.05 -6.31 0.10
N ASN A 85 10.01 -6.34 -1.25
CA ASN A 85 9.17 -7.30 -1.96
C ASN A 85 9.68 -8.72 -1.71
N LYS A 86 10.97 -8.98 -1.72
CA LYS A 86 11.45 -10.35 -1.56
C LYS A 86 11.40 -10.80 -0.14
N THR A 87 11.40 -9.88 0.83
CA THR A 87 11.23 -10.30 2.23
C THR A 87 9.80 -10.78 2.34
N LEU A 88 8.82 -10.14 1.73
CA LEU A 88 7.44 -10.60 1.79
C LEU A 88 7.23 -11.91 1.08
N LEU A 89 7.90 -12.07 -0.07
CA LEU A 89 7.77 -13.36 -0.79
C LEU A 89 8.41 -14.48 0.04
N ALA A 90 9.44 -14.18 0.84
CA ALA A 90 10.02 -15.24 1.67
C ALA A 90 9.07 -15.60 2.82
N TRP A 91 8.42 -14.61 3.44
CA TRP A 91 7.42 -14.98 4.45
C TRP A 91 6.31 -15.76 3.86
N ALA A 92 5.86 -15.46 2.65
CA ALA A 92 4.80 -16.25 1.96
C ALA A 92 5.33 -17.65 1.73
N LYS A 93 6.55 -17.85 1.28
CA LYS A 93 6.99 -19.22 1.04
C LYS A 93 7.02 -19.90 2.44
N LYS A 94 7.50 -19.30 3.46
CA LYS A 94 7.58 -20.00 4.74
C LYS A 94 6.22 -20.56 5.15
N HIS A 95 5.15 -19.87 4.85
CA HIS A 95 3.77 -20.21 5.12
C HIS A 95 3.07 -20.97 4.02
N GLN A 96 3.85 -21.54 3.09
CA GLN A 96 3.32 -22.38 2.05
C GLN A 96 2.34 -21.79 1.07
N ILE A 97 2.50 -20.42 0.97
CA ILE A 97 1.69 -19.66 0.02
C ILE A 97 2.41 -19.52 -1.34
N ALA A 98 1.76 -19.88 -2.43
CA ALA A 98 2.44 -19.65 -3.72
C ALA A 98 2.20 -18.17 -4.12
N ALA A 99 3.24 -17.39 -3.98
CA ALA A 99 3.15 -15.94 -4.26
C ALA A 99 3.94 -15.68 -5.51
N VAL A 100 3.61 -14.53 -6.14
CA VAL A 100 4.42 -14.08 -7.30
C VAL A 100 4.75 -12.58 -7.05
N GLY A 101 6.01 -12.19 -7.02
CA GLY A 101 6.34 -10.80 -6.82
C GLY A 101 6.22 -9.98 -8.09
N LEU A 102 5.63 -8.80 -8.08
CA LEU A 102 5.51 -7.92 -9.25
C LEU A 102 5.86 -6.49 -8.83
N PHE A 103 6.17 -5.64 -9.83
CA PHE A 103 6.11 -4.15 -9.57
C PHE A 103 5.02 -3.69 -10.53
N LEU A 104 4.81 -2.34 -10.45
CA LEU A 104 3.63 -1.75 -11.11
C LEU A 104 3.62 -1.85 -12.62
N GLY A 105 4.87 -2.01 -13.17
CA GLY A 105 4.99 -2.10 -14.64
C GLY A 105 4.74 -3.48 -15.24
N ASP A 106 4.73 -4.53 -14.40
CA ASP A 106 4.48 -5.87 -14.96
C ASP A 106 3.06 -6.04 -15.47
N GLY A 107 2.87 -6.44 -16.73
CA GLY A 107 1.51 -6.46 -17.30
C GLY A 107 0.93 -5.05 -17.40
N ASP A 108 1.72 -4.02 -17.35
CA ASP A 108 1.15 -2.66 -17.37
C ASP A 108 0.02 -2.59 -16.36
N SER A 109 0.19 -3.13 -15.18
CA SER A 109 -0.90 -3.22 -14.20
C SER A 109 -1.33 -1.87 -13.69
N VAL A 110 -0.38 -0.95 -13.52
CA VAL A 110 -0.65 0.44 -13.09
C VAL A 110 0.23 1.33 -13.98
N LYS A 111 -0.39 2.29 -14.62
CA LYS A 111 0.28 3.25 -15.48
C LYS A 111 0.92 4.35 -14.63
N VAL A 112 2.18 4.65 -14.93
CA VAL A 112 2.90 5.67 -14.17
C VAL A 112 3.55 6.68 -15.08
N THR A 113 3.41 7.95 -14.69
CA THR A 113 4.05 9.07 -15.35
C THR A 113 4.72 9.93 -14.28
N GLN A 114 5.63 10.84 -14.69
CA GLN A 114 6.28 11.74 -13.79
C GLN A 114 5.31 12.73 -13.17
N LEU A 115 5.16 12.70 -11.86
CA LEU A 115 4.21 13.63 -11.27
C LEU A 115 4.64 15.08 -11.27
N ASP A 116 5.87 15.39 -10.97
CA ASP A 116 6.30 16.80 -10.82
C ASP A 116 7.80 16.90 -10.91
N GLU A 117 8.29 17.81 -11.75
CA GLU A 117 9.75 17.90 -11.83
C GLU A 117 10.37 18.29 -10.47
N GLU A 118 9.70 18.92 -9.53
CA GLU A 118 10.21 19.30 -8.24
C GLU A 118 10.41 18.09 -7.33
N LEU A 119 9.75 16.97 -7.73
CA LEU A 119 9.90 15.74 -6.96
C LEU A 119 10.89 14.73 -7.55
N GLY A 120 11.30 14.96 -8.76
CA GLY A 120 12.24 14.01 -9.39
C GLY A 120 11.41 12.80 -9.89
N HIS A 121 12.05 11.63 -9.67
CA HIS A 121 11.48 10.39 -10.15
C HIS A 121 10.39 9.82 -9.27
N VAL A 122 9.40 10.65 -8.96
CA VAL A 122 8.16 10.26 -8.26
C VAL A 122 7.07 10.11 -9.27
N GLY A 123 6.38 8.94 -9.21
CA GLY A 123 5.32 8.72 -10.18
C GLY A 123 3.91 9.07 -9.74
N LEU A 124 3.12 9.42 -10.72
CA LEU A 124 1.67 9.54 -10.57
C LEU A 124 1.15 8.22 -11.11
N ALA A 125 0.44 7.50 -10.24
CA ALA A 125 -0.12 6.20 -10.58
C ALA A 125 -1.56 6.36 -11.07
N GLN A 126 -1.92 5.66 -12.12
CA GLN A 126 -3.30 5.65 -12.64
C GLN A 126 -3.64 4.21 -13.03
N PRO A 127 -4.88 3.84 -13.21
CA PRO A 127 -5.25 2.45 -13.48
C PRO A 127 -4.62 1.97 -14.77
N GLY A 128 -4.28 0.67 -14.78
CA GLY A 128 -3.75 0.04 -15.97
C GLY A 128 -4.55 -1.17 -16.41
N SER A 129 -3.87 -2.23 -16.81
CA SER A 129 -4.58 -3.45 -17.26
C SER A 129 -4.66 -4.54 -16.24
N PRO A 130 -5.77 -5.18 -15.96
CA PRO A 130 -5.91 -6.22 -15.00
C PRO A 130 -5.56 -7.61 -15.56
N LYS A 131 -5.17 -7.64 -16.82
CA LYS A 131 -5.09 -9.05 -17.42
C LYS A 131 -4.05 -9.93 -16.73
N LEU A 132 -2.85 -9.42 -16.54
CA LEU A 132 -1.84 -10.28 -15.92
C LEU A 132 -2.20 -10.72 -14.54
N ILE A 133 -2.62 -9.78 -13.65
CA ILE A 133 -2.96 -10.17 -12.28
C ILE A 133 -4.21 -11.05 -12.21
N ASN A 134 -5.19 -10.74 -13.06
CA ASN A 134 -6.38 -11.67 -13.07
C ASN A 134 -5.95 -13.09 -13.44
N SER A 135 -5.08 -13.18 -14.41
CA SER A 135 -4.57 -14.52 -14.80
C SER A 135 -3.84 -15.18 -13.64
N LEU A 136 -2.98 -14.52 -12.87
CA LEU A 136 -2.26 -15.07 -11.76
C LEU A 136 -3.24 -15.48 -10.74
N LEU A 137 -4.31 -14.65 -10.45
CA LEU A 137 -5.31 -14.98 -9.44
C LEU A 137 -6.12 -16.26 -9.83
N GLU A 138 -6.48 -16.27 -11.09
CA GLU A 138 -7.28 -17.47 -11.50
C GLU A 138 -6.44 -18.72 -11.43
N ASN A 139 -5.14 -18.61 -11.47
CA ASN A 139 -4.26 -19.80 -11.43
C ASN A 139 -3.83 -20.07 -10.00
N GLY A 140 -4.30 -19.35 -9.01
CA GLY A 140 -4.09 -19.60 -7.59
C GLY A 140 -2.86 -18.98 -6.97
N TYR A 141 -2.26 -17.97 -7.56
CA TYR A 141 -1.12 -17.30 -6.96
C TYR A 141 -1.52 -16.04 -6.16
N LEU A 142 -0.72 -15.74 -5.17
CA LEU A 142 -0.89 -14.45 -4.47
C LEU A 142 0.11 -13.42 -5.04
N PRO A 143 -0.42 -12.42 -5.74
CA PRO A 143 0.46 -11.37 -6.27
C PRO A 143 0.96 -10.53 -5.10
N VAL A 144 2.20 -10.14 -5.08
CA VAL A 144 2.78 -9.26 -4.02
C VAL A 144 3.47 -8.12 -4.78
N VAL A 145 2.86 -6.91 -4.77
CA VAL A 145 3.22 -5.87 -5.71
C VAL A 145 3.87 -4.69 -5.01
N SER A 146 5.08 -4.35 -5.42
CA SER A 146 5.77 -3.17 -4.93
C SER A 146 5.29 -1.92 -5.62
N SER A 147 5.74 -0.76 -5.04
CA SER A 147 5.22 0.52 -5.51
C SER A 147 6.21 1.25 -6.39
N ILE A 148 7.16 0.50 -6.98
CA ILE A 148 7.99 1.09 -8.04
C ILE A 148 7.26 0.85 -9.37
N GLY A 149 7.26 1.84 -10.31
CA GLY A 149 6.70 1.64 -11.62
C GLY A 149 7.76 2.11 -12.64
N VAL A 150 7.23 2.22 -13.87
CA VAL A 150 8.14 2.68 -14.94
C VAL A 150 7.25 3.37 -16.01
N THR A 151 7.88 4.47 -16.50
CA THR A 151 7.17 5.21 -17.56
C THR A 151 7.38 4.51 -18.91
N ASP A 152 6.54 4.91 -19.86
CA ASP A 152 6.63 4.37 -21.19
C ASP A 152 7.98 4.65 -21.82
N GLU A 153 8.71 5.63 -21.35
CA GLU A 153 10.01 5.92 -21.92
C GLU A 153 11.14 5.19 -21.25
N GLY A 154 10.73 4.38 -20.25
CA GLY A 154 11.74 3.59 -19.57
C GLY A 154 12.34 4.15 -18.31
N GLN A 155 11.77 5.19 -17.64
CA GLN A 155 12.36 5.72 -16.43
C GLN A 155 11.60 5.11 -15.20
N LEU A 156 12.44 4.61 -14.31
CA LEU A 156 11.87 4.04 -13.07
C LEU A 156 11.30 5.19 -12.28
N MET A 157 10.19 4.87 -11.54
CA MET A 157 9.47 5.87 -10.75
C MET A 157 9.15 5.29 -9.38
N ASN A 158 9.29 6.12 -8.37
CA ASN A 158 8.93 5.79 -7.00
C ASN A 158 7.52 6.31 -6.82
N VAL A 159 6.58 5.42 -6.54
CA VAL A 159 5.17 5.79 -6.27
C VAL A 159 4.82 5.60 -4.82
N ASN A 160 4.18 6.56 -4.22
CA ASN A 160 3.76 6.32 -2.80
C ASN A 160 2.85 5.06 -2.82
N ALA A 161 3.02 4.17 -1.82
CA ALA A 161 2.34 2.90 -1.89
C ALA A 161 0.84 2.96 -1.64
N ASP A 162 0.34 3.96 -0.91
CA ASP A 162 -1.09 4.11 -0.78
C ASP A 162 -1.74 4.48 -2.12
N GLN A 163 -1.06 5.41 -2.86
CA GLN A 163 -1.59 5.75 -4.19
C GLN A 163 -1.45 4.57 -5.18
N ALA A 164 -0.35 3.81 -5.05
CA ALA A 164 -0.25 2.64 -5.94
C ALA A 164 -1.38 1.61 -5.64
N ALA A 165 -1.66 1.44 -4.35
CA ALA A 165 -2.74 0.50 -4.00
C ALA A 165 -4.10 0.93 -4.49
N THR A 166 -4.33 2.26 -4.41
CA THR A 166 -5.61 2.77 -4.92
C THR A 166 -5.73 2.57 -6.42
N ALA A 167 -4.62 2.84 -7.16
CA ALA A 167 -4.68 2.66 -8.60
C ALA A 167 -4.89 1.17 -8.96
N LEU A 168 -4.20 0.32 -8.20
CA LEU A 168 -4.43 -1.12 -8.50
C LEU A 168 -5.85 -1.56 -8.11
N ALA A 169 -6.42 -0.96 -7.05
CA ALA A 169 -7.81 -1.35 -6.72
C ALA A 169 -8.72 -0.95 -7.83
N ALA A 170 -8.52 0.26 -8.46
CA ALA A 170 -9.37 0.59 -9.56
C ALA A 170 -9.16 -0.31 -10.78
N THR A 171 -7.90 -0.69 -11.04
CA THR A 171 -7.62 -1.58 -12.17
C THR A 171 -8.32 -2.94 -12.01
N LEU A 172 -8.31 -3.49 -10.80
CA LEU A 172 -8.87 -4.86 -10.61
C LEU A 172 -10.30 -4.82 -10.13
N GLY A 173 -10.85 -3.63 -9.81
CA GLY A 173 -12.22 -3.64 -9.22
C GLY A 173 -12.14 -4.25 -7.83
N ALA A 174 -11.08 -4.10 -7.04
CA ALA A 174 -10.83 -4.73 -5.78
C ALA A 174 -11.26 -3.91 -4.56
N ASP A 175 -11.67 -4.66 -3.51
CA ASP A 175 -11.83 -4.05 -2.21
C ASP A 175 -10.43 -3.64 -1.71
N LEU A 176 -10.31 -2.70 -0.82
CA LEU A 176 -9.03 -2.28 -0.32
C LEU A 176 -8.96 -2.08 1.16
N ILE A 177 -7.94 -2.53 1.81
CA ILE A 177 -7.61 -2.29 3.19
C ILE A 177 -6.21 -1.69 3.34
N LEU A 178 -5.95 -0.55 3.86
CA LEU A 178 -4.68 0.12 4.07
C LEU A 178 -4.19 -0.19 5.46
N LEU A 179 -3.19 -0.99 5.66
CA LEU A 179 -2.69 -1.32 6.99
C LEU A 179 -1.47 -0.51 7.38
N SER A 180 -1.48 0.06 8.56
CA SER A 180 -0.42 0.94 9.00
C SER A 180 -0.05 0.67 10.46
N ASP A 181 0.84 1.52 10.96
CA ASP A 181 1.32 1.31 12.33
C ASP A 181 0.40 1.98 13.35
N VAL A 182 -0.55 2.76 12.90
CA VAL A 182 -1.51 3.43 13.78
C VAL A 182 -2.92 2.90 13.50
N SER A 183 -3.74 2.97 14.54
CA SER A 183 -5.11 2.50 14.43
C SER A 183 -6.00 3.50 13.71
N GLY A 184 -5.71 3.76 12.42
CA GLY A 184 -6.55 4.60 11.60
C GLY A 184 -6.07 6.05 11.69
N ILE A 185 -7.00 6.94 11.39
CA ILE A 185 -6.75 8.37 11.41
C ILE A 185 -7.10 8.89 12.80
N LEU A 186 -6.19 9.64 13.36
CA LEU A 186 -6.34 10.19 14.71
C LEU A 186 -6.70 11.66 14.73
N ASP A 187 -7.52 12.02 15.74
CA ASP A 187 -8.00 13.38 15.90
C ASP A 187 -6.95 14.19 16.65
N GLY A 188 -7.37 15.40 17.02
CA GLY A 188 -6.45 16.37 17.65
C GLY A 188 -5.93 15.90 18.99
N LYS A 189 -6.65 14.95 19.61
CA LYS A 189 -6.25 14.40 20.90
C LYS A 189 -5.60 13.05 20.78
N GLY A 190 -5.27 12.61 19.57
CA GLY A 190 -4.61 11.33 19.32
C GLY A 190 -5.58 10.16 19.49
N GLN A 191 -6.88 10.42 19.33
CA GLN A 191 -7.87 9.34 19.39
C GLN A 191 -8.37 8.91 18.00
N ARG A 192 -8.64 7.62 17.86
CA ARG A 192 -9.12 7.02 16.62
C ARG A 192 -10.35 7.73 16.12
N ILE A 193 -10.44 8.05 14.83
CA ILE A 193 -11.67 8.55 14.22
C ILE A 193 -12.38 7.40 13.53
N ALA A 194 -13.60 6.98 13.83
CA ALA A 194 -14.20 5.76 13.32
C ALA A 194 -14.60 5.86 11.88
N GLU A 195 -15.15 6.98 11.41
CA GLU A 195 -15.60 7.09 10.02
C GLU A 195 -15.12 8.42 9.43
N MET A 196 -14.90 8.42 8.13
CA MET A 196 -14.33 9.62 7.47
C MET A 196 -15.02 9.82 6.13
N THR A 197 -15.43 11.06 5.91
CA THR A 197 -15.99 11.50 4.64
C THR A 197 -15.02 12.54 4.07
N ALA A 198 -15.29 12.93 2.80
CA ALA A 198 -14.45 14.00 2.21
C ALA A 198 -14.62 15.36 2.93
N ALA A 199 -15.84 15.61 3.36
CA ALA A 199 -16.07 16.89 4.04
C ALA A 199 -15.25 16.92 5.33
N LYS A 200 -15.35 15.80 6.09
CA LYS A 200 -14.62 15.75 7.35
C LYS A 200 -13.15 15.82 7.17
N ALA A 201 -12.58 15.11 6.15
CA ALA A 201 -11.17 15.16 5.90
C ALA A 201 -10.72 16.58 5.49
N GLU A 202 -11.56 17.23 4.67
CA GLU A 202 -11.26 18.67 4.39
C GLU A 202 -11.16 19.50 5.67
N GLN A 203 -12.10 19.28 6.58
CA GLN A 203 -12.10 20.05 7.84
C GLN A 203 -10.85 19.75 8.63
N LEU A 204 -10.52 18.44 8.78
CA LEU A 204 -9.32 18.10 9.52
C LEU A 204 -8.01 18.56 8.99
N ILE A 205 -7.95 18.65 7.64
CA ILE A 205 -6.75 19.18 6.98
C ILE A 205 -6.67 20.71 7.21
N GLU A 206 -7.82 21.36 7.16
CA GLU A 206 -7.90 22.82 7.37
C GLU A 206 -7.44 23.14 8.80
N GLN A 207 -7.78 22.23 9.72
CA GLN A 207 -7.41 22.41 11.13
C GLN A 207 -6.02 21.91 11.43
N GLY A 208 -5.27 21.42 10.47
CA GLY A 208 -3.89 20.98 10.71
C GLY A 208 -3.82 19.70 11.56
N ILE A 209 -4.91 18.95 11.63
CA ILE A 209 -4.88 17.65 12.37
C ILE A 209 -4.32 16.50 11.52
N ILE A 210 -4.73 16.42 10.25
CA ILE A 210 -4.18 15.43 9.32
C ILE A 210 -3.00 16.13 8.58
N THR A 211 -1.85 15.52 8.69
CA THR A 211 -0.64 16.00 8.09
C THR A 211 0.22 14.84 7.56
N ASP A 212 1.19 15.33 6.81
CA ASP A 212 2.22 14.62 6.11
C ASP A 212 1.62 13.53 5.23
N GLY A 213 2.15 12.34 5.37
CA GLY A 213 1.74 11.24 4.47
C GLY A 213 0.31 10.83 4.81
N MET A 214 -0.23 11.44 5.88
CA MET A 214 -1.55 10.98 6.28
C MET A 214 -2.64 11.56 5.38
N ILE A 215 -2.25 12.73 4.81
CA ILE A 215 -2.97 13.55 3.90
C ILE A 215 -2.99 12.77 2.57
N VAL A 216 -1.83 12.19 2.26
CA VAL A 216 -1.71 11.38 1.05
C VAL A 216 -2.51 10.09 1.25
N LYS A 217 -2.42 9.50 2.43
CA LYS A 217 -3.15 8.27 2.71
C LYS A 217 -4.66 8.45 2.61
N VAL A 218 -5.22 9.45 3.28
CA VAL A 218 -6.64 9.70 3.28
C VAL A 218 -7.19 10.04 1.92
N ASN A 219 -6.48 10.87 1.14
CA ASN A 219 -6.88 11.25 -0.18
C ASN A 219 -6.84 9.99 -1.10
N ALA A 220 -5.87 9.11 -0.91
CA ALA A 220 -5.84 7.87 -1.70
C ALA A 220 -7.05 7.00 -1.33
N ALA A 221 -7.38 6.89 -0.04
CA ALA A 221 -8.53 6.11 0.39
C ALA A 221 -9.88 6.68 -0.09
N LEU A 222 -9.94 8.06 0.00
CA LEU A 222 -11.15 8.63 -0.56
C LEU A 222 -11.38 8.44 -2.07
N ASP A 223 -10.22 8.51 -2.79
CA ASP A 223 -10.33 8.33 -4.24
C ASP A 223 -10.83 6.91 -4.50
N ALA A 224 -10.27 5.94 -3.76
CA ALA A 224 -10.66 4.55 -3.93
C ALA A 224 -12.13 4.32 -3.59
N ALA A 225 -12.63 4.91 -2.51
CA ALA A 225 -14.03 4.74 -2.17
C ALA A 225 -14.97 5.31 -3.23
N ARG A 226 -14.58 6.49 -3.75
CA ARG A 226 -15.51 7.05 -4.76
C ARG A 226 -15.43 6.25 -6.06
N THR A 227 -14.20 5.77 -6.33
CA THR A 227 -14.03 5.04 -7.60
C THR A 227 -14.66 3.66 -7.62
N LEU A 228 -14.63 2.97 -6.48
CA LEU A 228 -15.20 1.65 -6.38
C LEU A 228 -16.66 1.68 -5.91
N GLY A 229 -17.08 2.76 -5.26
CA GLY A 229 -18.43 2.81 -4.67
C GLY A 229 -18.50 1.93 -3.43
N ARG A 230 -17.39 1.64 -2.75
CA ARG A 230 -17.36 0.81 -1.57
C ARG A 230 -16.47 1.48 -0.51
N PRO A 231 -16.75 1.31 0.79
CA PRO A 231 -15.87 1.81 1.81
C PRO A 231 -14.45 1.23 1.76
N VAL A 232 -13.52 1.98 2.26
CA VAL A 232 -12.13 1.56 2.38
C VAL A 232 -11.68 1.83 3.79
N ASP A 233 -11.02 0.81 4.34
CA ASP A 233 -10.58 0.93 5.71
C ASP A 233 -9.09 1.26 5.85
N ILE A 234 -8.90 2.17 6.82
CA ILE A 234 -7.47 2.31 7.25
C ILE A 234 -7.26 1.69 8.60
N ALA A 235 -6.41 0.73 8.91
CA ALA A 235 -6.32 0.08 10.19
C ALA A 235 -4.92 -0.36 10.55
N SER A 236 -4.64 -0.82 11.76
CA SER A 236 -3.32 -1.20 12.19
C SER A 236 -3.02 -2.69 12.01
N TRP A 237 -1.79 -2.99 11.71
CA TRP A 237 -1.27 -4.36 11.63
C TRP A 237 -0.66 -4.84 12.94
N ARG A 238 -0.68 -4.00 13.96
CA ARG A 238 0.03 -4.25 15.20
C ARG A 238 -0.58 -5.32 16.11
N HIS A 239 -1.88 -5.42 16.24
CA HIS A 239 -2.51 -6.27 17.24
C HIS A 239 -3.16 -7.52 16.64
N ALA A 240 -2.46 -8.61 16.95
CA ALA A 240 -2.74 -9.94 16.48
C ALA A 240 -4.19 -10.37 16.55
N GLU A 241 -4.82 -10.12 17.72
CA GLU A 241 -6.19 -10.56 17.91
C GLU A 241 -7.22 -9.89 17.01
N GLN A 242 -6.81 -8.70 16.47
CA GLN A 242 -7.76 -7.99 15.64
C GLN A 242 -7.69 -8.37 14.13
N LEU A 243 -6.61 -9.08 13.83
CA LEU A 243 -6.43 -9.31 12.37
C LEU A 243 -7.50 -10.10 11.69
N PRO A 244 -7.90 -11.22 12.25
CA PRO A 244 -8.94 -12.02 11.56
C PRO A 244 -10.21 -11.27 11.27
N ALA A 245 -10.79 -10.59 12.27
CA ALA A 245 -12.00 -9.79 12.07
C ALA A 245 -11.84 -8.63 11.08
N LEU A 246 -10.68 -7.98 11.14
CA LEU A 246 -10.34 -6.92 10.22
C LEU A 246 -10.41 -7.44 8.80
N PHE A 247 -9.74 -8.57 8.49
CA PHE A 247 -9.82 -9.08 7.11
C PHE A 247 -11.20 -9.56 6.68
N ASN A 248 -12.08 -9.83 7.59
CA ASN A 248 -13.46 -10.25 7.35
C ASN A 248 -14.42 -9.07 7.22
N GLY A 249 -13.97 -7.86 7.52
CA GLY A 249 -14.75 -6.66 7.20
C GLY A 249 -15.17 -5.80 8.38
N MET A 250 -14.88 -6.16 9.59
CA MET A 250 -15.15 -5.51 10.86
C MET A 250 -14.32 -4.23 10.88
N PRO A 251 -14.91 -3.17 11.43
CA PRO A 251 -14.28 -1.86 11.53
C PRO A 251 -13.35 -1.75 12.72
N MET A 252 -12.04 -1.76 12.43
CA MET A 252 -11.03 -1.70 13.47
C MET A 252 -10.25 -0.37 13.56
N GLY A 253 -10.48 0.44 12.55
CA GLY A 253 -9.69 1.68 12.45
C GLY A 253 -10.57 2.78 11.93
N THR A 254 -10.26 3.37 10.78
CA THR A 254 -11.04 4.42 10.18
C THR A 254 -11.73 4.00 8.93
N ARG A 255 -13.02 4.00 8.75
CA ARG A 255 -13.68 3.53 7.55
C ARG A 255 -13.93 4.80 6.75
N ILE A 256 -13.33 4.88 5.55
CA ILE A 256 -13.48 6.03 4.67
C ILE A 256 -14.66 5.72 3.78
N LEU A 257 -15.65 6.64 3.80
CA LEU A 257 -16.88 6.63 3.10
C LEU A 257 -16.95 7.66 1.95
N ALA A 258 -17.41 7.21 0.81
CA ALA A 258 -17.57 8.17 -0.30
C ALA A 258 -19.06 8.36 -0.62
CA NLG B . 7.34 6.06 -1.04
C NLG B . 8.53 6.24 -0.46
OXT NLG B . 9.76 6.61 -1.02
O NLG B . 8.77 6.27 0.80
CB NLG B . 7.19 4.60 -1.39
CG NLG B . 7.23 3.67 -0.11
CD NLG B . 5.95 3.88 0.69
OE1 NLG B . 4.86 4.39 0.38
OE2 NLG B . 6.23 3.51 1.87
C7 NLG B . 7.04 8.12 -2.41
C8 NLG B . 7.18 8.76 -3.56
O7 NLG B . 6.91 8.76 -1.34
N2 NLG B . 7.25 7.04 -2.23
PG ANP C . 4.73 2.88 4.14
O1G ANP C . 3.99 2.27 3.07
O2G ANP C . 5.11 4.31 3.88
O3G ANP C . 5.92 2.07 4.35
PB ANP C . 2.63 3.99 5.99
O1B ANP C . 2.02 4.54 4.75
O2B ANP C . 1.82 3.10 6.81
N3B ANP C . 3.92 3.21 5.55
PA ANP C . 2.95 6.75 6.79
O1A ANP C . 3.92 7.39 7.79
O2A ANP C . 3.46 7.10 5.44
O3A ANP C . 2.89 5.16 7.06
O5' ANP C . 1.54 7.51 7.27
C5' ANP C . 1.01 7.46 8.69
C4' ANP C . 1.69 8.25 9.51
O4' ANP C . 0.76 9.36 9.44
C3' ANP C . 1.61 7.94 11.05
O3' ANP C . 2.44 7.01 11.66
C2' ANP C . 1.58 9.45 11.61
O2' ANP C . 3.06 9.78 11.85
C1' ANP C . 1.05 10.29 10.47
N9 ANP C . 0.06 11.11 10.76
C8 ANP C . -0.02 12.49 10.58
N7 ANP C . -1.11 13.06 10.89
C5 ANP C . -1.86 12.02 11.31
C6 ANP C . -3.16 12.03 11.78
N6 ANP C . -4.03 13.07 11.95
N1 ANP C . -3.70 10.80 12.15
C2 ANP C . -2.92 9.65 12.02
N3 ANP C . -1.66 9.53 11.60
C4 ANP C . -1.17 10.80 11.24
MG MG D . 3.03 6.10 3.61
#